data_8B6D
#
_entry.id   8B6D
#
_cell.length_a   65.752
_cell.length_b   65.752
_cell.length_c   329.552
_cell.angle_alpha   90.000
_cell.angle_beta   90.000
_cell.angle_gamma   90.000
#
_symmetry.space_group_name_H-M   'P 43 21 2'
#
loop_
_entity.id
_entity.type
_entity.pdbx_description
1 polymer 'UTP--glucose-1-phosphate uridylyltransferase'
2 non-polymer "URIDINE-5'-DIPHOSPHATE"
3 non-polymer GLYCEROL
4 non-polymer 'SODIUM ION'
5 non-polymer 1,2-ETHANEDIOL
6 water water
#
_entity_poly.entity_id   1
_entity_poly.type   'polypeptide(L)'
_entity_poly.pdbx_seq_one_letter_code
;MTASAEHQTFTTAIVPAAGLGTRFLPTTKSVPKELLPVVDTPAIELVADEARQAGAERLVIVTSPAKQSIAAYFRPAPEL
ERSLEEKGKTGQLAKIRRAPELLEVEVAIQEQALGLGHAVACAEPNLGPEDDVVAVLLPDDLVLPHGILERMAKVRAEHG
GSVLCAFDIPKEEISAYGVFDVSDTDDADVKRVHGMVEKPPAEQAPSTFAAAGRYLLDRAIFDALRRIEPGAGGELQLTD
AVALLIQEGHPVHVVVHRGDRHDLGNPGGFLRAAVDFALQDPDYGPELRAWLTDRIARP
;
_entity_poly.pdbx_strand_id   A,B
#
# COMPACT_ATOMS: atom_id res chain seq x y z
N THR A 9 -33.59 -12.08 5.40
CA THR A 9 -32.59 -12.01 4.30
C THR A 9 -32.06 -10.58 4.21
N PHE A 10 -30.75 -10.41 4.30
CA PHE A 10 -30.18 -9.08 4.44
C PHE A 10 -29.89 -8.50 3.04
N THR A 11 -30.06 -7.19 2.90
CA THR A 11 -29.60 -6.48 1.72
C THR A 11 -28.54 -5.42 2.06
N THR A 12 -28.37 -5.06 3.34
CA THR A 12 -27.45 -4.00 3.77
C THR A 12 -26.28 -4.56 4.57
N ALA A 13 -25.06 -4.20 4.15
CA ALA A 13 -23.87 -4.60 4.83
C ALA A 13 -23.14 -3.37 5.31
N ILE A 14 -22.71 -3.44 6.55
CA ILE A 14 -22.07 -2.35 7.24
C ILE A 14 -20.59 -2.74 7.36
N VAL A 15 -19.70 -1.79 7.05
CA VAL A 15 -18.27 -2.00 7.14
C VAL A 15 -17.71 -0.93 8.04
N PRO A 16 -17.36 -1.26 9.30
CA PRO A 16 -16.74 -0.30 10.20
C PRO A 16 -15.28 -0.06 9.80
N ALA A 17 -14.98 1.15 9.30
CA ALA A 17 -13.68 1.47 8.76
C ALA A 17 -13.17 2.79 9.31
N ALA A 18 -13.49 3.10 10.57
CA ALA A 18 -13.21 4.41 11.11
C ALA A 18 -12.03 4.35 12.07
N GLY A 19 -11.23 3.27 12.15
CA GLY A 19 -10.07 3.33 13.04
C GLY A 19 -8.91 4.09 12.42
N LEU A 20 -7.89 4.57 13.16
CA LEU A 20 -6.63 4.90 12.47
C LEU A 20 -5.89 3.57 12.32
N GLY A 21 -5.24 3.27 11.23
CA GLY A 21 -4.41 2.10 11.37
C GLY A 21 -3.07 2.48 12.00
N THR A 22 -3.02 2.65 13.34
CA THR A 22 -1.79 2.88 14.09
C THR A 22 -0.69 1.92 13.67
N ARG A 23 -1.05 0.68 13.39
CA ARG A 23 -0.06 -0.35 13.11
C ARG A 23 0.56 -0.17 11.72
N PHE A 24 -0.05 0.69 10.88
CA PHE A 24 0.51 1.01 9.59
C PHE A 24 1.04 2.43 9.50
N LEU A 25 1.34 3.09 10.64
CA LEU A 25 2.01 4.35 10.56
C LEU A 25 3.45 4.07 10.11
N PRO A 26 4.12 4.98 9.38
CA PRO A 26 3.56 6.30 9.05
C PRO A 26 2.66 6.44 7.82
N THR A 27 2.42 5.36 7.07
CA THR A 27 1.62 5.41 5.83
C THR A 27 0.20 5.92 6.11
N THR A 28 -0.42 5.44 7.20
CA THR A 28 -1.79 5.85 7.51
C THR A 28 -1.92 7.28 8.02
N LYS A 29 -0.84 8.03 8.17
CA LYS A 29 -0.98 9.47 8.28
C LYS A 29 -1.65 10.03 7.02
N SER A 30 -1.43 9.42 5.83
CA SER A 30 -1.85 10.04 4.58
C SER A 30 -2.79 9.14 3.81
N VAL A 31 -2.75 7.84 4.04
CA VAL A 31 -3.53 6.91 3.25
C VAL A 31 -4.41 6.10 4.19
N PRO A 32 -5.73 6.02 3.94
CA PRO A 32 -6.60 5.15 4.73
C PRO A 32 -6.14 3.71 4.61
N LYS A 33 -6.18 3.01 5.76
CA LYS A 33 -5.70 1.62 5.84
C LYS A 33 -6.41 0.75 4.78
N GLU A 34 -7.75 0.97 4.67
CA GLU A 34 -8.64 0.20 3.83
C GLU A 34 -8.46 0.46 2.33
N LEU A 35 -7.63 1.42 1.92
CA LEU A 35 -7.26 1.61 0.54
C LEU A 35 -5.92 0.96 0.20
N LEU A 36 -5.24 0.35 1.19
CA LEU A 36 -3.95 -0.24 0.91
C LEU A 36 -4.14 -1.49 0.06
N PRO A 37 -3.28 -1.71 -0.96
CA PRO A 37 -3.50 -2.78 -1.91
C PRO A 37 -2.97 -4.12 -1.42
N VAL A 38 -3.75 -5.12 -1.78
CA VAL A 38 -3.33 -6.50 -1.66
C VAL A 38 -2.97 -6.96 -3.09
N VAL A 39 -1.67 -7.02 -3.33
CA VAL A 39 -1.02 -7.09 -4.64
C VAL A 39 -1.31 -5.77 -5.38
N ASP A 40 -2.49 -5.62 -5.98
CA ASP A 40 -2.79 -4.34 -6.63
C ASP A 40 -4.22 -3.84 -6.34
N THR A 41 -4.99 -4.55 -5.48
CA THR A 41 -6.41 -4.24 -5.24
C THR A 41 -6.63 -3.86 -3.77
N PRO A 42 -7.24 -2.68 -3.49
CA PRO A 42 -7.52 -2.21 -2.14
C PRO A 42 -8.27 -3.25 -1.36
N ALA A 43 -7.87 -3.37 -0.07
CA ALA A 43 -8.58 -4.21 0.88
C ALA A 43 -10.10 -3.99 0.81
N ILE A 44 -10.54 -2.72 0.80
CA ILE A 44 -11.97 -2.41 0.85
C ILE A 44 -12.74 -3.01 -0.33
N GLU A 45 -12.09 -3.16 -1.51
CA GLU A 45 -12.74 -3.77 -2.65
C GLU A 45 -12.94 -5.26 -2.43
N LEU A 46 -11.97 -5.91 -1.78
CA LEU A 46 -12.10 -7.33 -1.49
C LEU A 46 -13.28 -7.57 -0.54
N VAL A 47 -13.52 -6.66 0.41
N VAL A 47 -13.47 -6.65 0.41
CA VAL A 47 -14.60 -6.89 1.37
CA VAL A 47 -14.53 -6.78 1.39
C VAL A 47 -15.95 -6.48 0.77
C VAL A 47 -15.89 -6.52 0.73
N ALA A 48 -15.95 -5.45 -0.09
CA ALA A 48 -17.12 -5.13 -0.91
C ALA A 48 -17.51 -6.32 -1.77
N ASP A 49 -16.55 -6.98 -2.40
CA ASP A 49 -16.87 -8.12 -3.22
C ASP A 49 -17.46 -9.27 -2.41
N GLU A 50 -16.93 -9.52 -1.19
CA GLU A 50 -17.46 -10.59 -0.35
C GLU A 50 -18.92 -10.32 0.02
N ALA A 51 -19.19 -9.05 0.34
CA ALA A 51 -20.51 -8.60 0.68
C ALA A 51 -21.49 -8.87 -0.47
N ARG A 52 -21.13 -8.37 -1.67
CA ARG A 52 -21.90 -8.53 -2.89
C ARG A 52 -22.11 -10.02 -3.17
N GLN A 53 -21.08 -10.83 -2.97
CA GLN A 53 -21.27 -12.26 -3.20
C GLN A 53 -22.23 -12.91 -2.18
N ALA A 54 -22.45 -12.33 -1.00
CA ALA A 54 -23.42 -12.86 -0.05
C ALA A 54 -24.82 -12.24 -0.27
N GLY A 55 -24.96 -11.37 -1.26
CA GLY A 55 -26.24 -10.83 -1.67
C GLY A 55 -26.47 -9.40 -1.21
N ALA A 56 -25.51 -8.73 -0.55
CA ALA A 56 -25.65 -7.33 -0.23
C ALA A 56 -25.97 -6.54 -1.49
N GLU A 57 -26.91 -5.59 -1.39
CA GLU A 57 -27.21 -4.62 -2.43
C GLU A 57 -26.66 -3.25 -2.06
N ARG A 58 -26.27 -3.02 -0.79
CA ARG A 58 -25.75 -1.74 -0.35
C ARG A 58 -24.68 -2.02 0.68
N LEU A 59 -23.65 -1.19 0.62
CA LEU A 59 -22.56 -1.13 1.56
C LEU A 59 -22.72 0.18 2.29
N VAL A 60 -22.82 0.12 3.61
CA VAL A 60 -22.67 1.33 4.40
C VAL A 60 -21.28 1.27 5.05
N ILE A 61 -20.38 2.14 4.57
CA ILE A 61 -19.04 2.25 5.13
C ILE A 61 -19.08 3.30 6.23
N VAL A 62 -18.67 2.91 7.44
CA VAL A 62 -18.59 3.83 8.55
C VAL A 62 -17.15 4.31 8.59
N THR A 63 -16.96 5.63 8.45
CA THR A 63 -15.58 6.12 8.48
C THR A 63 -15.50 7.43 9.22
N SER A 64 -14.28 7.86 9.53
CA SER A 64 -14.01 9.17 10.09
C SER A 64 -14.05 10.22 8.98
N PRO A 65 -14.26 11.52 9.33
CA PRO A 65 -14.10 12.62 8.35
C PRO A 65 -12.78 12.57 7.57
N ALA A 66 -11.67 12.34 8.28
CA ALA A 66 -10.36 12.20 7.66
C ALA A 66 -10.30 11.12 6.58
N LYS A 67 -11.17 10.10 6.61
CA LYS A 67 -10.98 8.92 5.80
C LYS A 67 -12.11 8.78 4.79
N GLN A 68 -12.79 9.90 4.48
CA GLN A 68 -13.97 9.83 3.61
C GLN A 68 -13.58 9.36 2.20
N SER A 69 -12.33 9.64 1.80
CA SER A 69 -11.79 9.27 0.50
C SER A 69 -12.01 7.80 0.15
N ILE A 70 -12.18 6.94 1.16
CA ILE A 70 -12.54 5.56 0.94
C ILE A 70 -13.84 5.48 0.11
N ALA A 71 -14.65 6.56 0.16
CA ALA A 71 -15.86 6.78 -0.63
C ALA A 71 -15.55 6.95 -2.12
N ALA A 72 -14.71 7.95 -2.45
CA ALA A 72 -14.49 8.24 -3.84
C ALA A 72 -14.10 6.96 -4.60
N TYR A 73 -13.55 5.94 -3.90
CA TYR A 73 -12.96 4.79 -4.58
C TYR A 73 -14.05 4.12 -5.41
N PHE A 74 -15.29 4.21 -4.91
CA PHE A 74 -16.43 3.44 -5.41
C PHE A 74 -17.22 4.24 -6.44
N ARG A 75 -16.71 5.43 -6.77
CA ARG A 75 -17.30 6.29 -7.78
C ARG A 75 -16.64 6.10 -9.12
N PRO A 76 -17.40 6.37 -10.20
CA PRO A 76 -16.84 6.31 -11.54
C PRO A 76 -15.74 7.36 -11.64
N ALA A 77 -14.78 7.08 -12.53
CA ALA A 77 -13.65 7.94 -12.80
C ALA A 77 -13.60 8.26 -14.30
N PRO A 78 -14.54 9.08 -14.81
CA PRO A 78 -14.64 9.34 -16.25
C PRO A 78 -13.37 9.58 -17.05
N GLU A 79 -12.52 10.52 -16.62
CA GLU A 79 -11.34 10.90 -17.37
C GLU A 79 -10.35 9.72 -17.37
N LEU A 80 -10.24 9.01 -16.24
CA LEU A 80 -9.34 7.85 -16.18
C LEU A 80 -9.85 6.73 -17.10
N GLU A 81 -11.16 6.49 -17.03
CA GLU A 81 -11.79 5.46 -17.86
C GLU A 81 -11.56 5.74 -19.34
N ARG A 82 -11.65 7.01 -19.76
CA ARG A 82 -11.55 7.36 -21.16
C ARG A 82 -10.09 7.19 -21.59
N SER A 83 -9.18 7.61 -20.73
CA SER A 83 -7.77 7.49 -21.04
C SER A 83 -7.43 6.03 -21.36
N LEU A 84 -7.89 5.08 -20.53
CA LEU A 84 -7.55 3.68 -20.73
C LEU A 84 -8.19 3.18 -22.03
N GLU A 85 -9.47 3.50 -22.25
CA GLU A 85 -10.13 3.21 -23.53
C GLU A 85 -9.27 3.67 -24.70
N GLU A 86 -8.81 4.93 -24.68
CA GLU A 86 -8.03 5.55 -25.74
C GLU A 86 -6.72 4.80 -25.95
N LYS A 87 -6.10 4.31 -24.88
CA LYS A 87 -4.91 3.50 -25.05
C LYS A 87 -5.16 2.02 -25.36
N GLY A 88 -6.42 1.57 -25.46
CA GLY A 88 -6.77 0.19 -25.74
C GLY A 88 -6.47 -0.78 -24.57
N LYS A 89 -6.34 -0.25 -23.34
CA LYS A 89 -6.08 -1.07 -22.17
C LYS A 89 -7.37 -1.61 -21.54
N THR A 90 -8.02 -2.52 -22.28
CA THR A 90 -9.34 -3.04 -21.94
CA THR A 90 -9.33 -3.08 -21.95
C THR A 90 -9.29 -3.82 -20.61
N GLY A 91 -8.20 -4.55 -20.33
CA GLY A 91 -8.13 -5.27 -19.06
C GLY A 91 -7.99 -4.35 -17.83
N GLN A 92 -7.19 -3.27 -17.94
CA GLN A 92 -7.06 -2.27 -16.85
C GLN A 92 -8.39 -1.49 -16.66
N LEU A 93 -9.09 -1.16 -17.76
CA LEU A 93 -10.36 -0.46 -17.71
C LEU A 93 -11.36 -1.28 -16.86
N ALA A 94 -11.42 -2.62 -17.11
CA ALA A 94 -12.30 -3.51 -16.37
C ALA A 94 -11.92 -3.50 -14.88
N LYS A 95 -10.61 -3.50 -14.58
CA LYS A 95 -10.17 -3.41 -13.17
C LYS A 95 -10.77 -2.20 -12.44
N ILE A 96 -10.79 -1.01 -13.09
CA ILE A 96 -11.24 0.18 -12.37
C ILE A 96 -12.77 0.29 -12.42
N ARG A 97 -13.45 -0.45 -13.33
CA ARG A 97 -14.91 -0.40 -13.35
C ARG A 97 -15.58 -1.41 -12.40
N ARG A 98 -14.82 -2.38 -11.90
CA ARG A 98 -15.28 -3.46 -11.06
C ARG A 98 -15.89 -2.92 -9.77
N ALA A 99 -15.15 -2.09 -8.99
CA ALA A 99 -15.64 -1.61 -7.69
C ALA A 99 -16.90 -0.75 -7.82
N PRO A 100 -16.94 0.30 -8.65
CA PRO A 100 -18.15 1.13 -8.77
C PRO A 100 -19.41 0.39 -9.17
N GLU A 101 -19.24 -0.78 -9.79
CA GLU A 101 -20.36 -1.54 -10.33
C GLU A 101 -20.70 -2.73 -9.44
N LEU A 102 -20.04 -2.91 -8.28
CA LEU A 102 -20.30 -4.03 -7.40
C LEU A 102 -21.67 -3.93 -6.71
N LEU A 103 -21.99 -2.76 -6.14
CA LEU A 103 -23.19 -2.55 -5.38
C LEU A 103 -23.25 -1.07 -5.01
N GLU A 104 -24.35 -0.59 -4.45
CA GLU A 104 -24.49 0.82 -4.07
C GLU A 104 -23.70 1.00 -2.81
N VAL A 105 -22.98 2.11 -2.70
CA VAL A 105 -22.18 2.34 -1.50
C VAL A 105 -22.60 3.64 -0.90
N GLU A 106 -22.74 3.74 0.44
CA GLU A 106 -23.00 4.99 1.13
C GLU A 106 -22.05 5.11 2.32
N VAL A 107 -21.95 6.32 2.91
CA VAL A 107 -21.07 6.57 4.04
C VAL A 107 -21.86 7.08 5.22
N ALA A 108 -21.50 6.57 6.42
CA ALA A 108 -21.86 7.11 7.73
C ALA A 108 -20.59 7.51 8.49
N ILE A 109 -20.63 8.70 9.09
CA ILE A 109 -19.53 9.25 9.84
C ILE A 109 -19.54 8.79 11.29
N GLN A 110 -18.41 8.28 11.76
CA GLN A 110 -18.11 8.22 13.17
C GLN A 110 -17.12 9.35 13.48
N GLU A 111 -17.60 10.33 14.25
CA GLU A 111 -16.86 11.54 14.57
C GLU A 111 -15.57 11.20 15.32
N GLN A 112 -15.65 10.32 16.34
CA GLN A 112 -14.48 9.93 17.09
C GLN A 112 -14.56 8.43 17.33
N ALA A 113 -13.40 7.76 17.24
CA ALA A 113 -13.33 6.31 17.25
C ALA A 113 -13.56 5.74 18.66
N LEU A 114 -14.85 5.58 19.04
CA LEU A 114 -15.26 5.13 20.36
C LEU A 114 -15.58 3.63 20.39
N GLY A 115 -15.05 2.85 19.45
CA GLY A 115 -15.31 1.43 19.44
C GLY A 115 -16.27 0.99 18.35
N LEU A 116 -16.28 -0.32 18.19
CA LEU A 116 -16.97 -1.05 17.16
C LEU A 116 -18.48 -0.99 17.36
N GLY A 117 -18.96 -1.14 18.60
CA GLY A 117 -20.35 -1.00 18.91
C GLY A 117 -20.86 0.38 18.49
N HIS A 118 -20.10 1.43 18.82
N HIS A 118 -20.08 1.42 18.83
CA HIS A 118 -20.47 2.80 18.47
CA HIS A 118 -20.42 2.80 18.50
C HIS A 118 -20.49 2.99 16.95
C HIS A 118 -20.45 3.01 16.99
N ALA A 119 -19.52 2.38 16.26
CA ALA A 119 -19.41 2.44 14.81
C ALA A 119 -20.66 1.82 14.15
N VAL A 120 -21.08 0.65 14.62
CA VAL A 120 -22.27 0.05 14.08
C VAL A 120 -23.51 0.92 14.34
N ALA A 121 -23.65 1.41 15.56
CA ALA A 121 -24.66 2.36 15.93
C ALA A 121 -24.74 3.58 15.00
N CYS A 122 -23.61 4.08 14.48
CA CYS A 122 -23.55 5.19 13.53
C CYS A 122 -24.23 4.88 12.19
N ALA A 123 -24.35 3.60 11.81
CA ALA A 123 -25.01 3.25 10.55
C ALA A 123 -26.53 3.19 10.65
N GLU A 124 -27.09 3.30 11.85
CA GLU A 124 -28.53 3.14 12.00
C GLU A 124 -29.30 4.14 11.16
N PRO A 125 -28.91 5.44 11.00
CA PRO A 125 -29.68 6.35 10.17
C PRO A 125 -29.76 5.98 8.71
N ASN A 126 -28.88 5.11 8.26
CA ASN A 126 -28.89 4.67 6.89
C ASN A 126 -29.83 3.50 6.66
N LEU A 127 -30.46 2.93 7.70
CA LEU A 127 -31.37 1.79 7.54
C LEU A 127 -32.73 2.23 6.99
N GLY A 128 -33.28 1.40 6.08
CA GLY A 128 -34.66 1.54 5.62
C GLY A 128 -35.61 0.58 6.32
N PRO A 129 -36.87 0.58 5.87
CA PRO A 129 -37.93 -0.17 6.49
C PRO A 129 -37.74 -1.68 6.39
N GLU A 130 -36.91 -2.18 5.47
CA GLU A 130 -36.75 -3.63 5.34
C GLU A 130 -35.47 -4.17 5.96
N ASP A 131 -34.67 -3.35 6.61
CA ASP A 131 -33.42 -3.84 7.17
C ASP A 131 -33.64 -4.49 8.54
N ASP A 132 -34.36 -5.61 8.53
CA ASP A 132 -34.60 -6.35 9.77
C ASP A 132 -33.36 -7.06 10.29
N VAL A 133 -32.47 -7.40 9.37
CA VAL A 133 -31.17 -8.00 9.64
CA VAL A 133 -31.17 -7.95 9.68
C VAL A 133 -30.16 -7.24 8.81
N VAL A 134 -28.97 -6.99 9.38
CA VAL A 134 -27.87 -6.40 8.65
C VAL A 134 -26.62 -7.25 8.80
N ALA A 135 -25.77 -7.23 7.75
CA ALA A 135 -24.47 -7.86 7.79
C ALA A 135 -23.48 -6.82 8.30
N VAL A 136 -22.46 -7.27 9.03
CA VAL A 136 -21.34 -6.44 9.39
C VAL A 136 -20.06 -7.18 8.99
N LEU A 137 -19.17 -6.50 8.24
CA LEU A 137 -17.91 -7.07 7.83
C LEU A 137 -16.81 -6.15 8.35
N LEU A 138 -15.97 -6.64 9.26
CA LEU A 138 -14.76 -5.92 9.65
C LEU A 138 -13.75 -5.98 8.51
N PRO A 139 -13.27 -4.81 8.01
CA PRO A 139 -12.40 -4.82 6.84
C PRO A 139 -10.99 -5.39 7.09
N ASP A 140 -10.62 -5.69 8.36
CA ASP A 140 -9.31 -6.28 8.62
CA ASP A 140 -9.33 -6.28 8.73
C ASP A 140 -9.30 -7.80 8.51
N ASP A 141 -10.46 -8.43 8.28
CA ASP A 141 -10.53 -9.88 8.08
C ASP A 141 -10.92 -10.19 6.64
N LEU A 142 -10.18 -11.16 6.08
CA LEU A 142 -10.61 -11.81 4.85
C LEU A 142 -10.94 -13.27 5.16
N VAL A 143 -12.12 -13.69 4.67
CA VAL A 143 -12.66 -15.01 4.92
C VAL A 143 -12.78 -15.71 3.59
N LEU A 144 -11.92 -16.73 3.41
CA LEU A 144 -11.65 -17.36 2.12
C LEU A 144 -12.05 -18.83 2.16
N PRO A 145 -12.40 -19.43 1.01
CA PRO A 145 -12.37 -18.76 -0.29
C PRO A 145 -13.61 -17.98 -0.70
N HIS A 146 -14.72 -18.12 0.04
CA HIS A 146 -16.00 -17.68 -0.50
C HIS A 146 -16.84 -17.01 0.58
N GLY A 147 -16.18 -16.39 1.54
CA GLY A 147 -16.83 -15.76 2.69
C GLY A 147 -17.61 -16.80 3.50
N ILE A 148 -18.76 -16.40 4.07
CA ILE A 148 -19.35 -17.14 5.17
C ILE A 148 -20.76 -16.62 5.46
N LEU A 149 -21.10 -15.44 4.92
CA LEU A 149 -22.36 -14.78 5.26
C LEU A 149 -23.55 -15.57 4.73
N GLU A 150 -23.44 -16.22 3.54
CA GLU A 150 -24.47 -17.07 2.99
C GLU A 150 -24.74 -18.22 3.97
N ARG A 151 -23.68 -18.81 4.56
CA ARG A 151 -23.85 -19.87 5.56
C ARG A 151 -24.53 -19.33 6.83
N MET A 152 -24.15 -18.13 7.22
CA MET A 152 -24.75 -17.47 8.37
C MET A 152 -26.23 -17.18 8.09
N ALA A 153 -26.60 -16.76 6.86
CA ALA A 153 -27.99 -16.48 6.54
C ALA A 153 -28.81 -17.75 6.70
N LYS A 154 -28.27 -18.89 6.33
CA LYS A 154 -29.03 -20.12 6.44
C LYS A 154 -29.35 -20.43 7.91
N VAL A 155 -28.39 -20.22 8.82
CA VAL A 155 -28.58 -20.38 10.26
C VAL A 155 -29.70 -19.47 10.77
N ARG A 156 -29.69 -18.19 10.37
CA ARG A 156 -30.72 -17.26 10.76
C ARG A 156 -32.07 -17.71 10.19
N ALA A 157 -32.11 -18.25 8.98
CA ALA A 157 -33.36 -18.79 8.43
C ALA A 157 -33.86 -19.96 9.26
N GLU A 158 -32.99 -20.84 9.77
CA GLU A 158 -33.39 -21.93 10.64
C GLU A 158 -33.74 -21.48 12.06
N HIS A 159 -33.02 -20.54 12.69
CA HIS A 159 -33.13 -20.40 14.13
C HIS A 159 -33.65 -19.01 14.54
N GLY A 160 -33.76 -18.08 13.59
CA GLY A 160 -33.98 -16.68 13.95
C GLY A 160 -32.76 -16.07 14.64
N GLY A 161 -32.96 -14.86 15.10
CA GLY A 161 -32.00 -14.22 15.98
C GLY A 161 -30.81 -13.72 15.17
N SER A 162 -29.62 -13.74 15.79
CA SER A 162 -28.40 -13.21 15.23
C SER A 162 -27.36 -14.33 15.13
N VAL A 163 -26.39 -14.11 14.22
CA VAL A 163 -25.34 -15.05 13.90
C VAL A 163 -23.97 -14.35 13.92
N LEU A 164 -23.02 -15.04 14.53
CA LEU A 164 -21.65 -14.61 14.65
C LEU A 164 -20.78 -15.56 13.86
N CYS A 165 -19.47 -15.30 13.87
CA CYS A 165 -18.51 -16.06 13.09
C CYS A 165 -17.34 -16.36 13.98
N ALA A 166 -16.78 -17.57 13.86
CA ALA A 166 -15.56 -17.93 14.58
C ALA A 166 -14.54 -18.59 13.66
N PHE A 167 -13.29 -18.43 14.07
CA PHE A 167 -12.22 -19.28 13.56
C PHE A 167 -11.87 -20.33 14.59
N ASP A 168 -11.46 -21.52 14.13
CA ASP A 168 -11.07 -22.57 15.05
C ASP A 168 -9.59 -22.48 15.36
N ILE A 169 -9.23 -21.99 16.57
CA ILE A 169 -7.84 -21.67 16.89
C ILE A 169 -7.41 -22.45 18.13
N PRO A 170 -6.26 -23.19 18.11
CA PRO A 170 -5.85 -23.93 19.31
C PRO A 170 -5.74 -23.00 20.51
N LYS A 171 -6.07 -23.56 21.69
CA LYS A 171 -6.13 -22.80 22.94
C LYS A 171 -4.81 -22.06 23.22
N GLU A 172 -3.67 -22.61 22.80
CA GLU A 172 -2.39 -22.02 23.21
C GLU A 172 -2.03 -20.89 22.23
N GLU A 173 -2.82 -20.66 21.17
CA GLU A 173 -2.64 -19.52 20.29
C GLU A 173 -3.85 -18.59 20.27
N ILE A 174 -4.81 -18.76 21.20
CA ILE A 174 -6.11 -18.10 21.11
C ILE A 174 -6.20 -16.86 22.01
N SER A 175 -5.21 -16.62 22.89
CA SER A 175 -5.35 -15.64 23.96
C SER A 175 -5.51 -14.20 23.52
N ALA A 176 -5.18 -13.88 22.27
CA ALA A 176 -5.39 -12.54 21.72
C ALA A 176 -6.85 -12.24 21.33
N TYR A 177 -7.74 -13.24 21.32
CA TYR A 177 -9.08 -13.10 20.75
C TYR A 177 -10.18 -13.11 21.80
N GLY A 178 -11.38 -12.70 21.39
CA GLY A 178 -12.60 -13.08 22.10
C GLY A 178 -12.93 -14.55 21.78
N VAL A 179 -13.28 -15.33 22.81
CA VAL A 179 -13.52 -16.75 22.67
C VAL A 179 -14.93 -17.13 23.15
N PHE A 180 -15.70 -17.82 22.31
CA PHE A 180 -17.09 -18.15 22.62
C PHE A 180 -17.19 -19.32 23.59
N ASP A 181 -18.14 -19.16 24.51
CA ASP A 181 -18.69 -20.22 25.34
C ASP A 181 -19.91 -20.82 24.61
N VAL A 182 -19.80 -22.07 24.12
CA VAL A 182 -20.74 -22.60 23.14
C VAL A 182 -21.33 -23.95 23.62
N SER A 183 -22.40 -24.38 22.96
CA SER A 183 -22.86 -25.77 22.96
C SER A 183 -23.16 -26.23 21.51
N ASP A 184 -23.32 -27.54 21.31
CA ASP A 184 -23.32 -28.15 19.99
C ASP A 184 -24.71 -28.01 19.34
N THR A 185 -24.82 -28.01 18.00
CA THR A 185 -26.12 -28.23 17.37
C THR A 185 -26.05 -29.54 16.55
N ASP A 186 -27.05 -29.78 15.71
CA ASP A 186 -27.02 -30.86 14.72
C ASP A 186 -25.82 -30.75 13.78
N ASP A 187 -25.47 -29.52 13.37
CA ASP A 187 -24.38 -29.25 12.44
C ASP A 187 -23.08 -28.97 13.18
N ALA A 188 -22.05 -29.72 12.87
CA ALA A 188 -20.76 -29.60 13.56
C ALA A 188 -20.12 -28.20 13.40
N ASP A 189 -20.55 -27.41 12.40
CA ASP A 189 -19.96 -26.07 12.23
C ASP A 189 -20.85 -24.94 12.78
N VAL A 190 -21.99 -25.27 13.42
CA VAL A 190 -22.90 -24.28 13.98
C VAL A 190 -23.00 -24.59 15.48
N LYS A 191 -22.75 -23.56 16.29
CA LYS A 191 -22.82 -23.69 17.73
C LYS A 191 -23.79 -22.64 18.25
N ARG A 192 -24.42 -23.00 19.37
CA ARG A 192 -25.23 -22.08 20.14
C ARG A 192 -24.27 -21.27 21.00
N VAL A 193 -24.44 -19.94 20.99
CA VAL A 193 -23.59 -19.05 21.77
C VAL A 193 -24.26 -18.79 23.11
N HIS A 194 -23.53 -19.08 24.20
CA HIS A 194 -24.03 -18.74 25.51
C HIS A 194 -23.30 -17.51 26.04
N GLY A 195 -22.07 -17.28 25.62
CA GLY A 195 -21.31 -16.11 26.03
C GLY A 195 -19.98 -16.02 25.29
N MET A 196 -19.17 -15.04 25.67
CA MET A 196 -17.88 -14.77 25.07
C MET A 196 -16.95 -14.26 26.15
N VAL A 197 -15.74 -14.78 26.19
CA VAL A 197 -14.74 -14.36 27.16
C VAL A 197 -13.67 -13.55 26.41
N GLU A 198 -13.23 -12.40 26.95
CA GLU A 198 -12.19 -11.59 26.32
C GLU A 198 -10.79 -12.08 26.72
N LYS A 199 -10.04 -12.54 25.73
CA LYS A 199 -8.60 -12.78 25.92
C LYS A 199 -8.32 -13.74 27.06
N PRO A 200 -8.95 -14.92 27.06
CA PRO A 200 -8.69 -15.85 28.15
C PRO A 200 -7.25 -16.36 28.05
N PRO A 201 -6.57 -16.58 29.18
CA PRO A 201 -5.40 -17.47 29.17
C PRO A 201 -5.78 -18.85 28.59
N ALA A 202 -4.80 -19.55 27.99
CA ALA A 202 -4.99 -20.83 27.31
C ALA A 202 -5.77 -21.84 28.15
N GLU A 203 -5.40 -21.95 29.42
CA GLU A 203 -5.98 -22.96 30.28
C GLU A 203 -7.39 -22.53 30.69
N GLN A 204 -7.83 -21.30 30.40
CA GLN A 204 -9.16 -20.88 30.80
C GLN A 204 -10.12 -20.73 29.61
N ALA A 205 -9.62 -20.89 28.40
CA ALA A 205 -10.41 -20.62 27.22
C ALA A 205 -11.57 -21.61 27.16
N PRO A 206 -12.84 -21.15 27.01
CA PRO A 206 -14.00 -22.05 27.10
C PRO A 206 -14.20 -22.92 25.86
N SER A 207 -13.45 -22.65 24.80
CA SER A 207 -13.49 -23.35 23.53
C SER A 207 -12.30 -22.90 22.67
N THR A 208 -12.17 -23.47 21.47
CA THR A 208 -11.19 -23.08 20.48
C THR A 208 -11.83 -22.14 19.45
N PHE A 209 -13.04 -21.59 19.74
CA PHE A 209 -13.73 -20.77 18.75
C PHE A 209 -13.52 -19.27 19.04
N ALA A 210 -12.64 -18.66 18.25
CA ALA A 210 -12.27 -17.26 18.36
C ALA A 210 -13.21 -16.42 17.52
N ALA A 211 -13.72 -15.33 18.10
CA ALA A 211 -14.60 -14.41 17.39
C ALA A 211 -13.88 -13.78 16.18
N ALA A 212 -14.56 -13.88 15.03
CA ALA A 212 -14.11 -13.32 13.79
C ALA A 212 -15.05 -12.17 13.41
N GLY A 213 -14.56 -11.27 12.54
CA GLY A 213 -15.25 -10.03 12.20
C GLY A 213 -16.31 -10.15 11.10
N ARG A 214 -17.22 -11.11 11.25
CA ARG A 214 -18.40 -11.18 10.41
C ARG A 214 -19.61 -11.37 11.34
N TYR A 215 -20.71 -10.68 11.01
CA TYR A 215 -21.90 -10.71 11.85
C TYR A 215 -23.12 -10.60 10.96
N LEU A 216 -24.16 -11.26 11.41
CA LEU A 216 -25.48 -11.10 10.82
C LEU A 216 -26.39 -10.74 11.99
N LEU A 217 -26.71 -9.45 12.14
CA LEU A 217 -27.33 -8.94 13.35
C LEU A 217 -28.78 -8.54 13.11
N ASP A 218 -29.66 -9.06 13.95
CA ASP A 218 -31.03 -8.57 14.05
C ASP A 218 -31.00 -7.08 14.42
N ARG A 219 -31.94 -6.35 13.83
CA ARG A 219 -32.11 -4.91 14.03
C ARG A 219 -32.24 -4.56 15.54
N ALA A 220 -32.73 -5.49 16.36
CA ALA A 220 -32.69 -5.38 17.82
C ALA A 220 -31.31 -5.04 18.38
N ILE A 221 -30.20 -5.26 17.67
CA ILE A 221 -28.90 -4.84 18.16
C ILE A 221 -28.83 -3.33 18.39
N PHE A 222 -29.50 -2.49 17.61
CA PHE A 222 -29.39 -1.05 17.79
C PHE A 222 -29.97 -0.59 19.12
N ASP A 223 -31.04 -1.27 19.58
CA ASP A 223 -31.65 -1.00 20.85
C ASP A 223 -30.73 -1.49 21.97
N ALA A 224 -30.14 -2.67 21.82
CA ALA A 224 -29.15 -3.15 22.78
C ALA A 224 -27.96 -2.18 22.88
N LEU A 225 -27.48 -1.63 21.77
CA LEU A 225 -26.38 -0.66 21.79
C LEU A 225 -26.78 0.66 22.45
N ARG A 226 -28.08 0.93 22.61
CA ARG A 226 -28.56 2.15 23.26
C ARG A 226 -28.70 1.90 24.78
N ARG A 227 -28.92 0.65 25.19
CA ARG A 227 -29.24 0.33 26.57
C ARG A 227 -28.00 -0.10 27.39
N ILE A 228 -26.91 -0.52 26.72
CA ILE A 228 -25.73 -0.93 27.46
C ILE A 228 -25.06 0.31 28.02
N GLU A 229 -24.48 0.09 29.21
CA GLU A 229 -23.68 1.05 29.96
C GLU A 229 -22.48 1.51 29.13
N PRO A 230 -22.40 2.79 28.70
CA PRO A 230 -21.28 3.23 27.86
C PRO A 230 -19.94 3.07 28.59
N GLY A 231 -18.82 3.05 27.89
CA GLY A 231 -17.52 2.90 28.54
C GLY A 231 -17.04 4.17 29.26
N ALA A 232 -15.82 4.08 29.84
CA ALA A 232 -15.16 5.21 30.52
C ALA A 232 -15.26 6.50 29.69
N GLY A 233 -14.90 6.44 28.39
CA GLY A 233 -14.96 7.58 27.46
C GLY A 233 -16.09 7.48 26.42
N GLY A 234 -17.08 6.60 26.66
CA GLY A 234 -18.24 6.44 25.80
C GLY A 234 -18.13 5.27 24.79
N GLU A 235 -17.15 4.36 25.02
CA GLU A 235 -16.89 3.19 24.15
C GLU A 235 -18.02 2.18 24.33
N LEU A 236 -18.80 1.95 23.27
CA LEU A 236 -19.69 0.81 23.27
C LEU A 236 -18.97 -0.33 22.53
N GLN A 237 -19.02 -1.51 23.18
CA GLN A 237 -18.56 -2.78 22.61
C GLN A 237 -19.78 -3.56 22.14
N LEU A 238 -19.71 -4.01 20.89
CA LEU A 238 -20.69 -4.90 20.28
C LEU A 238 -20.92 -6.11 21.19
N THR A 239 -19.87 -6.55 21.89
CA THR A 239 -19.85 -7.71 22.79
C THR A 239 -20.94 -7.62 23.85
N ASP A 240 -20.97 -6.45 24.51
CA ASP A 240 -21.91 -6.20 25.59
C ASP A 240 -23.34 -6.16 25.04
N ALA A 241 -23.52 -5.64 23.83
CA ALA A 241 -24.84 -5.57 23.19
C ALA A 241 -25.32 -6.98 22.87
N VAL A 242 -24.44 -7.81 22.31
CA VAL A 242 -24.78 -9.22 22.04
C VAL A 242 -25.14 -9.96 23.34
N ALA A 243 -24.36 -9.74 24.41
CA ALA A 243 -24.61 -10.44 25.65
C ALA A 243 -25.96 -10.07 26.25
N LEU A 244 -26.35 -8.79 26.06
CA LEU A 244 -27.63 -8.30 26.59
C LEU A 244 -28.77 -8.98 25.82
N LEU A 245 -28.63 -9.08 24.52
CA LEU A 245 -29.66 -9.74 23.74
C LEU A 245 -29.73 -11.20 24.19
N ILE A 246 -28.59 -11.91 24.30
CA ILE A 246 -28.59 -13.29 24.81
C ILE A 246 -29.31 -13.37 26.16
N GLN A 247 -29.01 -12.44 27.07
CA GLN A 247 -29.67 -12.47 28.36
C GLN A 247 -31.20 -12.40 28.24
N GLU A 248 -31.70 -11.68 27.22
CA GLU A 248 -33.12 -11.47 27.03
C GLU A 248 -33.73 -12.55 26.17
N GLY A 249 -32.98 -13.64 25.95
CA GLY A 249 -33.47 -14.78 25.21
C GLY A 249 -33.36 -14.65 23.68
N HIS A 250 -32.70 -13.61 23.14
CA HIS A 250 -32.49 -13.53 21.70
C HIS A 250 -31.62 -14.72 21.28
N PRO A 251 -31.99 -15.57 20.31
CA PRO A 251 -31.11 -16.67 19.86
C PRO A 251 -29.84 -16.13 19.20
N VAL A 252 -28.67 -16.63 19.63
CA VAL A 252 -27.40 -16.29 19.02
C VAL A 252 -26.65 -17.58 18.71
N HIS A 253 -26.28 -17.77 17.41
CA HIS A 253 -25.55 -18.91 16.92
C HIS A 253 -24.24 -18.41 16.33
N VAL A 254 -23.26 -19.30 16.23
CA VAL A 254 -21.99 -18.94 15.58
C VAL A 254 -21.71 -19.98 14.51
N VAL A 255 -21.25 -19.55 13.34
CA VAL A 255 -20.77 -20.44 12.27
C VAL A 255 -19.23 -20.49 12.33
N VAL A 256 -18.69 -21.72 12.41
CA VAL A 256 -17.25 -21.93 12.42
C VAL A 256 -16.76 -22.05 10.99
N HIS A 257 -15.91 -21.09 10.62
CA HIS A 257 -15.18 -21.10 9.35
C HIS A 257 -14.04 -22.12 9.43
N ARG A 258 -13.97 -22.99 8.42
CA ARG A 258 -12.95 -24.03 8.35
C ARG A 258 -11.94 -23.73 7.22
N GLY A 259 -12.24 -22.79 6.33
CA GLY A 259 -11.30 -22.40 5.28
C GLY A 259 -10.17 -21.49 5.77
N ASP A 260 -9.61 -20.73 4.87
CA ASP A 260 -8.46 -19.91 5.15
C ASP A 260 -8.94 -18.52 5.55
N ARG A 261 -8.02 -17.74 6.08
CA ARG A 261 -8.33 -16.38 6.47
C ARG A 261 -7.07 -15.53 6.43
N HIS A 262 -7.24 -14.25 6.19
CA HIS A 262 -6.13 -13.33 6.32
C HIS A 262 -6.51 -12.22 7.29
N ASP A 263 -5.47 -11.76 7.99
CA ASP A 263 -5.52 -10.64 8.91
C ASP A 263 -4.80 -9.44 8.28
N LEU A 264 -5.55 -8.43 7.88
CA LEU A 264 -4.95 -7.24 7.33
C LEU A 264 -4.76 -6.13 8.38
N GLY A 265 -4.73 -6.46 9.67
CA GLY A 265 -4.66 -5.44 10.69
C GLY A 265 -3.23 -4.92 10.92
N ASN A 266 -2.22 -5.75 10.56
CA ASN A 266 -0.83 -5.40 10.74
C ASN A 266 -0.05 -5.66 9.44
N PRO A 267 1.15 -5.04 9.26
CA PRO A 267 1.97 -5.23 8.06
C PRO A 267 2.38 -6.67 7.74
N GLY A 268 2.62 -7.49 8.77
CA GLY A 268 2.96 -8.90 8.68
C GLY A 268 1.82 -9.74 8.09
N GLY A 269 0.62 -9.51 8.61
CA GLY A 269 -0.57 -10.24 8.20
C GLY A 269 -0.97 -9.77 6.82
N PHE A 270 -0.74 -8.52 6.58
CA PHE A 270 -1.06 -8.04 5.25
C PHE A 270 -0.17 -8.62 4.13
N LEU A 271 1.16 -8.71 4.36
CA LEU A 271 2.06 -9.31 3.41
C LEU A 271 1.75 -10.80 3.20
N ARG A 272 1.30 -11.49 4.24
CA ARG A 272 1.00 -12.90 4.07
C ARG A 272 -0.12 -13.01 3.06
N ALA A 273 -1.08 -12.08 3.14
CA ALA A 273 -2.20 -12.07 2.21
C ALA A 273 -1.68 -11.85 0.81
N ALA A 274 -0.86 -10.80 0.63
CA ALA A 274 -0.32 -10.47 -0.67
C ALA A 274 0.48 -11.62 -1.29
N VAL A 275 1.35 -12.26 -0.53
CA VAL A 275 2.11 -13.39 -1.04
C VAL A 275 1.18 -14.57 -1.40
N ASP A 276 0.18 -14.83 -0.57
CA ASP A 276 -0.78 -15.92 -0.79
C ASP A 276 -1.47 -15.75 -2.14
N PHE A 277 -2.06 -14.57 -2.36
CA PHE A 277 -2.71 -14.24 -3.63
C PHE A 277 -1.74 -14.23 -4.80
N ALA A 278 -0.53 -13.61 -4.64
CA ALA A 278 0.35 -13.52 -5.80
C ALA A 278 0.85 -14.91 -6.24
N LEU A 279 1.02 -15.83 -5.29
CA LEU A 279 1.53 -17.15 -5.59
C LEU A 279 0.50 -17.94 -6.42
N GLN A 280 -0.78 -17.61 -6.25
CA GLN A 280 -1.86 -18.24 -7.01
C GLN A 280 -2.11 -17.46 -8.29
N ASP A 281 -1.50 -16.29 -8.43
CA ASP A 281 -1.69 -15.51 -9.64
C ASP A 281 -0.62 -15.93 -10.65
N PRO A 282 -1.01 -16.36 -11.88
CA PRO A 282 -0.04 -16.84 -12.87
C PRO A 282 0.95 -15.75 -13.31
N ASP A 283 0.56 -14.46 -13.15
CA ASP A 283 1.45 -13.35 -13.52
C ASP A 283 2.67 -13.21 -12.61
N TYR A 284 2.69 -13.88 -11.45
CA TYR A 284 3.74 -13.72 -10.48
C TYR A 284 4.20 -15.04 -9.84
N GLY A 285 3.35 -16.08 -9.81
CA GLY A 285 3.52 -17.25 -8.96
C GLY A 285 4.86 -17.98 -9.09
N PRO A 286 5.11 -18.67 -10.24
CA PRO A 286 6.33 -19.47 -10.43
C PRO A 286 7.62 -18.73 -10.08
N GLU A 287 7.77 -17.51 -10.57
CA GLU A 287 8.99 -16.74 -10.37
C GLU A 287 9.09 -16.29 -8.90
N LEU A 288 7.94 -15.85 -8.33
CA LEU A 288 7.92 -15.39 -6.95
C LEU A 288 8.30 -16.53 -6.01
N ARG A 289 7.82 -17.76 -6.34
CA ARG A 289 8.05 -18.92 -5.50
C ARG A 289 9.55 -19.19 -5.42
N ALA A 290 10.23 -19.14 -6.57
CA ALA A 290 11.67 -19.39 -6.62
C ALA A 290 12.40 -18.28 -5.85
N TRP A 291 12.02 -17.02 -6.14
CA TRP A 291 12.57 -15.90 -5.39
C TRP A 291 12.44 -16.15 -3.89
N LEU A 292 11.28 -16.67 -3.48
CA LEU A 292 10.98 -16.85 -2.07
C LEU A 292 11.79 -18.00 -1.48
N THR A 293 12.01 -19.04 -2.31
CA THR A 293 12.76 -20.24 -1.92
C THR A 293 14.15 -19.84 -1.46
N ASP A 294 14.81 -19.04 -2.29
CA ASP A 294 16.09 -18.43 -1.96
C ASP A 294 16.00 -17.46 -0.80
N ARG A 295 15.01 -16.56 -0.83
CA ARG A 295 14.99 -15.45 0.10
C ARG A 295 14.84 -15.94 1.56
N ILE A 296 13.92 -16.87 1.85
CA ILE A 296 13.65 -17.24 3.23
C ILE A 296 14.81 -18.04 3.85
N ALA A 297 15.67 -18.64 3.03
CA ALA A 297 16.78 -19.44 3.53
C ALA A 297 18.01 -18.57 3.83
N ARG A 298 17.85 -17.23 3.72
CA ARG A 298 18.90 -16.32 4.18
C ARG A 298 18.28 -15.24 5.06
N PRO A 299 19.02 -14.68 6.05
CA PRO A 299 18.46 -13.61 6.90
C PRO A 299 17.89 -12.40 6.09
N THR B 9 29.12 17.98 -3.43
CA THR B 9 28.18 18.94 -2.80
C THR B 9 27.05 19.30 -3.76
N PHE B 10 25.86 18.73 -3.51
CA PHE B 10 24.60 19.23 -4.02
C PHE B 10 23.81 19.45 -2.75
N THR B 11 22.87 20.39 -2.75
CA THR B 11 21.97 20.51 -1.61
C THR B 11 20.52 20.20 -1.97
N THR B 12 20.17 20.18 -3.26
CA THR B 12 18.81 19.98 -3.72
C THR B 12 18.72 18.70 -4.53
N ALA B 13 17.76 17.87 -4.14
CA ALA B 13 17.41 16.67 -4.88
C ALA B 13 16.01 16.83 -5.44
N ILE B 14 15.80 16.26 -6.63
CA ILE B 14 14.56 16.32 -7.35
C ILE B 14 14.05 14.88 -7.43
N VAL B 15 12.75 14.72 -7.10
CA VAL B 15 12.06 13.45 -7.26
C VAL B 15 10.95 13.60 -8.27
N PRO B 16 11.06 13.05 -9.50
CA PRO B 16 9.93 12.97 -10.44
C PRO B 16 8.87 11.94 -10.02
N ALA B 17 7.69 12.41 -9.62
CA ALA B 17 6.64 11.56 -9.04
C ALA B 17 5.29 11.83 -9.68
N ALA B 18 5.27 12.07 -10.99
CA ALA B 18 4.10 12.58 -11.66
C ALA B 18 3.48 11.51 -12.56
N GLY B 19 3.92 10.23 -12.56
CA GLY B 19 3.23 9.19 -13.34
C GLY B 19 1.84 8.84 -12.78
N LEU B 20 0.99 8.00 -13.43
CA LEU B 20 -0.21 7.45 -12.72
C LEU B 20 0.12 6.18 -11.97
N GLY B 21 0.96 5.33 -12.53
CA GLY B 21 1.09 4.01 -11.94
C GLY B 21 -0.04 3.10 -12.45
N THR B 22 -0.24 3.13 -13.77
CA THR B 22 -1.14 2.19 -14.44
C THR B 22 -0.95 0.74 -13.99
N ARG B 23 0.28 0.33 -13.70
CA ARG B 23 0.55 -1.09 -13.42
C ARG B 23 -0.02 -1.48 -12.05
N PHE B 24 -0.41 -0.43 -11.27
CA PHE B 24 -1.01 -0.58 -9.95
C PHE B 24 -2.47 -0.21 -9.88
N LEU B 25 -3.15 -0.15 -11.03
CA LEU B 25 -4.59 -0.07 -10.96
C LEU B 25 -5.13 -1.37 -10.40
N PRO B 26 -6.25 -1.29 -9.69
CA PRO B 26 -7.03 -0.07 -9.50
C PRO B 26 -6.73 0.83 -8.30
N THR B 27 -5.72 0.41 -7.48
CA THR B 27 -5.33 1.17 -6.30
C THR B 27 -4.99 2.61 -6.63
N THR B 28 -4.22 2.82 -7.71
CA THR B 28 -3.70 4.14 -8.06
C THR B 28 -4.76 5.05 -8.68
N LYS B 29 -5.99 4.58 -8.86
CA LYS B 29 -7.12 5.45 -9.10
C LYS B 29 -7.26 6.40 -7.91
N SER B 30 -6.92 5.95 -6.68
CA SER B 30 -7.24 6.70 -5.45
C SER B 30 -6.01 7.00 -4.62
N VAL B 31 -4.98 6.17 -4.76
CA VAL B 31 -3.78 6.40 -3.97
C VAL B 31 -2.59 6.66 -4.89
N PRO B 32 -1.84 7.76 -4.71
CA PRO B 32 -0.55 7.93 -5.41
C PRO B 32 0.41 6.76 -5.21
N LYS B 33 1.03 6.35 -6.31
N LYS B 33 1.03 6.32 -6.29
CA LYS B 33 1.88 5.20 -6.27
CA LYS B 33 1.87 5.13 -6.21
C LYS B 33 2.98 5.36 -5.22
C LYS B 33 3.00 5.35 -5.20
N GLU B 34 3.52 6.59 -5.11
CA GLU B 34 4.63 6.93 -4.24
C GLU B 34 4.24 6.93 -2.76
N LEU B 35 2.94 6.91 -2.42
CA LEU B 35 2.56 6.82 -1.01
C LEU B 35 2.29 5.38 -0.60
N LEU B 36 2.40 4.42 -1.54
CA LEU B 36 2.15 3.04 -1.18
C LEU B 36 3.24 2.55 -0.22
N PRO B 37 2.87 1.75 0.80
CA PRO B 37 3.79 1.33 1.84
C PRO B 37 4.65 0.18 1.36
N VAL B 38 5.94 0.26 1.68
CA VAL B 38 6.86 -0.88 1.70
C VAL B 38 6.99 -1.36 3.14
N VAL B 39 6.22 -2.41 3.49
CA VAL B 39 5.95 -2.84 4.85
C VAL B 39 4.99 -1.83 5.51
N ASP B 40 5.50 -0.70 6.02
CA ASP B 40 4.69 0.26 6.76
C ASP B 40 5.03 1.69 6.31
N THR B 41 6.01 1.81 5.40
CA THR B 41 6.65 3.08 5.08
C THR B 41 6.44 3.40 3.60
N PRO B 42 5.88 4.61 3.27
CA PRO B 42 5.71 5.07 1.90
C PRO B 42 7.03 5.05 1.17
N ALA B 43 6.97 4.56 -0.09
CA ALA B 43 8.13 4.61 -0.99
C ALA B 43 8.80 6.00 -1.06
N ILE B 44 8.04 7.09 -1.09
CA ILE B 44 8.62 8.43 -1.14
C ILE B 44 9.50 8.73 0.09
N GLU B 45 9.15 8.14 1.24
CA GLU B 45 10.00 8.36 2.41
C GLU B 45 11.34 7.66 2.25
N LEU B 46 11.35 6.47 1.65
CA LEU B 46 12.60 5.71 1.51
C LEU B 46 13.58 6.47 0.59
N VAL B 47 13.01 7.04 -0.48
CA VAL B 47 13.76 7.85 -1.42
C VAL B 47 14.21 9.19 -0.79
N ALA B 48 13.32 9.85 -0.02
CA ALA B 48 13.77 11.05 0.70
C ALA B 48 14.92 10.73 1.68
N ASP B 49 14.84 9.61 2.35
CA ASP B 49 15.87 9.22 3.28
C ASP B 49 17.23 8.98 2.59
N GLU B 50 17.22 8.30 1.44
CA GLU B 50 18.44 8.16 0.63
C GLU B 50 19.03 9.51 0.26
N ALA B 51 18.17 10.43 -0.18
CA ALA B 51 18.64 11.73 -0.61
C ALA B 51 19.27 12.46 0.59
N ARG B 52 18.61 12.46 1.75
CA ARG B 52 19.13 13.09 2.96
C ARG B 52 20.49 12.49 3.37
N GLN B 53 20.63 11.15 3.33
CA GLN B 53 21.88 10.50 3.73
C GLN B 53 23.03 10.93 2.82
N ALA B 54 22.77 11.29 1.56
CA ALA B 54 23.79 11.76 0.65
C ALA B 54 24.01 13.27 0.77
N GLY B 55 23.31 13.95 1.68
CA GLY B 55 23.57 15.35 1.97
C GLY B 55 22.52 16.34 1.46
N ALA B 56 21.37 15.88 0.93
CA ALA B 56 20.35 16.83 0.45
C ALA B 56 19.80 17.60 1.64
N GLU B 57 19.60 18.91 1.49
CA GLU B 57 18.90 19.75 2.47
C GLU B 57 17.48 20.06 2.04
N ARG B 58 17.20 19.94 0.74
CA ARG B 58 15.90 20.26 0.15
C ARG B 58 15.57 19.13 -0.82
N LEU B 59 14.27 18.84 -0.95
CA LEU B 59 13.75 17.86 -1.87
C LEU B 59 12.68 18.59 -2.68
N VAL B 60 12.79 18.59 -4.01
CA VAL B 60 11.75 19.13 -4.87
C VAL B 60 11.00 17.96 -5.48
N ILE B 61 9.72 17.82 -5.12
CA ILE B 61 8.92 16.71 -5.62
C ILE B 61 8.11 17.20 -6.82
N VAL B 62 8.27 16.54 -7.98
CA VAL B 62 7.55 16.95 -9.17
C VAL B 62 6.33 16.03 -9.24
N THR B 63 5.12 16.63 -9.24
CA THR B 63 3.92 15.81 -9.23
C THR B 63 2.85 16.43 -10.14
N SER B 64 1.82 15.65 -10.50
CA SER B 64 0.63 16.13 -11.19
C SER B 64 -0.26 16.88 -10.21
N PRO B 65 -1.17 17.76 -10.69
CA PRO B 65 -2.18 18.40 -9.84
C PRO B 65 -2.94 17.46 -8.89
N ALA B 66 -3.30 16.24 -9.32
CA ALA B 66 -4.10 15.32 -8.53
C ALA B 66 -3.28 14.53 -7.49
N LYS B 67 -1.95 14.67 -7.46
CA LYS B 67 -1.13 13.86 -6.59
C LYS B 67 -0.36 14.74 -5.63
N GLN B 68 -0.83 15.98 -5.41
CA GLN B 68 -0.19 16.93 -4.50
C GLN B 68 -0.12 16.43 -3.05
N SER B 69 -0.95 15.45 -2.68
CA SER B 69 -0.87 14.75 -1.40
C SER B 69 0.49 14.09 -1.12
N ILE B 70 1.30 13.82 -2.14
CA ILE B 70 2.61 13.27 -1.86
C ILE B 70 3.35 14.24 -0.94
N ALA B 71 3.27 15.54 -1.21
CA ALA B 71 4.10 16.48 -0.46
C ALA B 71 3.53 16.75 0.92
N ALA B 72 2.22 16.81 1.01
CA ALA B 72 1.51 16.94 2.27
C ALA B 72 1.96 15.91 3.32
N TYR B 73 2.42 14.74 2.87
CA TYR B 73 2.97 13.70 3.75
C TYR B 73 4.17 14.23 4.56
N PHE B 74 4.92 15.17 3.99
CA PHE B 74 6.14 15.69 4.63
C PHE B 74 5.89 16.89 5.53
N ARG B 75 4.61 17.29 5.67
CA ARG B 75 4.27 18.37 6.56
C ARG B 75 4.05 17.81 7.96
N PRO B 76 4.29 18.59 9.04
CA PRO B 76 4.00 18.15 10.40
C PRO B 76 2.51 17.84 10.57
N ALA B 77 2.18 16.94 11.49
CA ALA B 77 0.79 16.59 11.78
C ALA B 77 0.59 16.73 13.28
N PRO B 78 0.46 17.98 13.80
CA PRO B 78 0.44 18.21 15.25
C PRO B 78 -0.62 17.40 15.98
N GLU B 79 -1.86 17.37 15.44
CA GLU B 79 -2.96 16.65 16.07
C GLU B 79 -2.67 15.15 16.19
N LEU B 80 -2.24 14.50 15.11
CA LEU B 80 -1.91 13.09 15.17
C LEU B 80 -0.81 12.88 16.21
N GLU B 81 0.24 13.73 16.19
CA GLU B 81 1.36 13.63 17.12
C GLU B 81 0.83 13.71 18.55
N ARG B 82 -0.01 14.72 18.82
CA ARG B 82 -0.54 14.93 20.16
C ARG B 82 -1.30 13.66 20.58
N SER B 83 -2.22 13.20 19.72
CA SER B 83 -2.98 11.99 19.98
C SER B 83 -2.07 10.83 20.35
N LEU B 84 -1.04 10.60 19.54
CA LEU B 84 -0.15 9.48 19.80
C LEU B 84 0.60 9.67 21.14
N GLU B 85 1.09 10.91 21.42
CA GLU B 85 1.81 11.22 22.66
C GLU B 85 0.91 10.87 23.84
N GLU B 86 -0.36 11.29 23.74
CA GLU B 86 -1.33 11.12 24.81
C GLU B 86 -1.56 9.65 25.11
N LYS B 87 -1.22 8.73 24.21
CA LYS B 87 -1.46 7.30 24.40
C LYS B 87 -0.15 6.56 24.62
N GLY B 88 0.93 7.29 24.82
CA GLY B 88 2.22 6.70 25.10
C GLY B 88 2.77 5.87 23.95
N LYS B 89 2.36 6.13 22.69
CA LYS B 89 2.91 5.38 21.55
C LYS B 89 4.15 6.08 20.97
N THR B 90 5.21 6.07 21.75
CA THR B 90 6.43 6.81 21.48
C THR B 90 7.12 6.27 20.24
N GLY B 91 7.03 4.95 19.98
CA GLY B 91 7.64 4.36 18.80
C GLY B 91 6.99 4.79 17.49
N GLN B 92 5.65 4.93 17.53
CA GLN B 92 4.83 5.31 16.39
C GLN B 92 4.97 6.83 16.17
N LEU B 93 5.11 7.61 17.26
CA LEU B 93 5.38 9.04 17.22
C LEU B 93 6.68 9.37 16.50
N ALA B 94 7.75 8.67 16.86
CA ALA B 94 8.98 8.84 16.14
C ALA B 94 8.82 8.52 14.65
N LYS B 95 8.05 7.47 14.30
CA LYS B 95 7.91 7.16 12.89
C LYS B 95 7.25 8.28 12.09
N ILE B 96 6.21 8.92 12.64
CA ILE B 96 5.54 10.01 11.94
C ILE B 96 6.32 11.30 11.98
N ARG B 97 7.30 11.45 12.89
CA ARG B 97 8.10 12.67 12.90
C ARG B 97 9.26 12.59 11.95
N ARG B 98 9.53 11.41 11.41
CA ARG B 98 10.75 11.22 10.66
C ARG B 98 10.74 11.99 9.35
N ALA B 99 9.71 11.83 8.50
CA ALA B 99 9.74 12.41 7.16
C ALA B 99 9.73 13.93 7.22
N PRO B 100 8.91 14.61 8.05
CA PRO B 100 8.92 16.05 8.10
C PRO B 100 10.23 16.66 8.60
N GLU B 101 11.04 15.87 9.31
CA GLU B 101 12.28 16.40 9.85
C GLU B 101 13.48 15.99 8.98
N LEU B 102 13.26 15.19 7.92
CA LEU B 102 14.37 14.77 7.10
C LEU B 102 14.98 15.98 6.42
N LEU B 103 14.15 16.76 5.72
CA LEU B 103 14.63 17.87 4.92
C LEU B 103 13.45 18.74 4.52
N GLU B 104 13.76 19.91 3.95
CA GLU B 104 12.76 20.83 3.44
C GLU B 104 12.22 20.29 2.12
N VAL B 105 10.90 20.35 1.95
CA VAL B 105 10.23 19.73 0.81
C VAL B 105 9.38 20.77 0.09
N GLU B 106 9.45 20.78 -1.24
CA GLU B 106 8.63 21.66 -2.06
C GLU B 106 8.01 20.84 -3.17
N VAL B 107 6.91 21.34 -3.73
CA VAL B 107 6.27 20.72 -4.87
C VAL B 107 6.41 21.57 -6.11
N ALA B 108 6.75 20.93 -7.21
CA ALA B 108 6.64 21.53 -8.53
C ALA B 108 5.60 20.73 -9.29
N ILE B 109 4.69 21.45 -9.97
CA ILE B 109 3.58 20.88 -10.71
C ILE B 109 3.97 20.59 -12.15
N GLN B 110 3.88 19.33 -12.58
CA GLN B 110 3.89 18.99 -13.99
C GLN B 110 2.42 18.84 -14.41
N GLU B 111 1.98 19.80 -15.23
CA GLU B 111 0.59 19.88 -15.67
C GLU B 111 0.17 18.64 -16.46
N GLN B 112 1.03 18.13 -17.35
CA GLN B 112 0.73 16.90 -18.05
C GLN B 112 1.96 16.01 -18.11
N ALA B 113 1.73 14.69 -18.14
CA ALA B 113 2.79 13.69 -18.02
C ALA B 113 3.60 13.57 -19.30
N LEU B 114 4.51 14.54 -19.54
CA LEU B 114 5.24 14.68 -20.78
C LEU B 114 6.62 14.03 -20.68
N GLY B 115 6.93 13.36 -19.57
CA GLY B 115 8.14 12.55 -19.52
C GLY B 115 9.13 13.12 -18.53
N LEU B 116 10.28 12.47 -18.47
CA LEU B 116 11.21 12.63 -17.36
C LEU B 116 12.02 13.94 -17.52
N GLY B 117 12.46 14.21 -18.75
CA GLY B 117 13.15 15.46 -19.07
C GLY B 117 12.29 16.68 -18.76
N HIS B 118 11.01 16.64 -19.16
CA HIS B 118 10.07 17.71 -18.86
C HIS B 118 9.85 17.86 -17.35
N ALA B 119 9.65 16.74 -16.64
CA ALA B 119 9.53 16.75 -15.17
C ALA B 119 10.71 17.46 -14.49
N VAL B 120 11.94 17.10 -14.88
CA VAL B 120 13.13 17.72 -14.32
C VAL B 120 13.11 19.22 -14.62
N ALA B 121 12.80 19.59 -15.87
CA ALA B 121 12.66 21.00 -16.25
C ALA B 121 11.66 21.74 -15.35
N CYS B 122 10.55 21.08 -14.94
CA CYS B 122 9.52 21.71 -14.13
C CYS B 122 10.07 22.12 -12.75
N ALA B 123 11.18 21.50 -12.29
CA ALA B 123 11.81 21.83 -11.01
C ALA B 123 12.68 23.08 -11.05
N GLU B 124 13.06 23.57 -12.25
CA GLU B 124 14.07 24.62 -12.35
C GLU B 124 13.66 25.85 -11.56
N PRO B 125 12.36 26.27 -11.57
CA PRO B 125 11.92 27.43 -10.79
C PRO B 125 12.16 27.29 -9.29
N ASN B 126 12.33 26.08 -8.77
CA ASN B 126 12.58 25.87 -7.36
C ASN B 126 14.08 25.87 -7.00
N LEU B 127 14.97 26.13 -7.94
CA LEU B 127 16.38 26.12 -7.64
C LEU B 127 16.85 27.53 -7.27
N GLY B 128 17.94 27.61 -6.49
CA GLY B 128 18.56 28.86 -6.13
C GLY B 128 19.89 29.04 -6.83
N PRO B 129 20.57 30.19 -6.69
CA PRO B 129 21.87 30.38 -7.32
C PRO B 129 22.95 29.46 -6.75
N GLU B 130 22.68 28.79 -5.63
CA GLU B 130 23.66 27.86 -5.05
C GLU B 130 23.59 26.47 -5.69
N ASP B 131 22.55 26.18 -6.48
CA ASP B 131 22.38 24.87 -7.08
C ASP B 131 23.18 24.71 -8.38
N ASP B 132 24.51 24.55 -8.28
CA ASP B 132 25.39 24.25 -9.41
C ASP B 132 25.16 22.83 -9.95
N VAL B 133 24.66 21.97 -9.07
CA VAL B 133 24.46 20.58 -9.41
C VAL B 133 23.25 20.09 -8.59
N VAL B 134 22.44 19.20 -9.16
CA VAL B 134 21.24 18.72 -8.46
C VAL B 134 21.23 17.21 -8.57
N ALA B 135 20.77 16.57 -7.49
CA ALA B 135 20.49 15.14 -7.56
C ALA B 135 19.08 14.90 -8.10
N VAL B 136 18.94 13.79 -8.84
CA VAL B 136 17.65 13.33 -9.36
C VAL B 136 17.50 11.87 -8.95
N LEU B 137 16.45 11.56 -8.17
CA LEU B 137 16.20 10.17 -7.78
C LEU B 137 14.81 9.77 -8.32
N LEU B 138 14.74 8.72 -9.14
CA LEU B 138 13.46 8.18 -9.58
C LEU B 138 12.92 7.23 -8.49
N PRO B 139 11.67 7.47 -8.05
CA PRO B 139 11.11 6.80 -6.87
C PRO B 139 10.73 5.33 -7.05
N ASP B 140 10.75 4.84 -8.30
CA ASP B 140 10.51 3.43 -8.55
CA ASP B 140 10.54 3.45 -8.69
C ASP B 140 11.77 2.58 -8.41
N ASP B 141 12.93 3.19 -8.21
CA ASP B 141 14.13 2.41 -7.99
C ASP B 141 14.58 2.58 -6.56
N LEU B 142 14.83 1.46 -5.86
CA LEU B 142 15.56 1.54 -4.60
C LEU B 142 16.94 0.95 -4.83
N VAL B 143 17.95 1.67 -4.35
CA VAL B 143 19.36 1.35 -4.64
C VAL B 143 20.06 1.18 -3.30
N LEU B 144 20.51 -0.06 -3.01
CA LEU B 144 20.92 -0.42 -1.66
C LEU B 144 22.32 -1.02 -1.66
N PRO B 145 23.15 -0.77 -0.62
CA PRO B 145 22.90 0.18 0.48
C PRO B 145 22.82 1.62 -0.02
N HIS B 146 22.30 2.51 0.82
CA HIS B 146 22.34 3.91 0.52
C HIS B 146 23.77 4.38 0.30
N GLY B 147 23.91 5.26 -0.70
CA GLY B 147 25.18 5.92 -0.94
C GLY B 147 25.65 5.89 -2.38
N ILE B 148 24.85 5.43 -3.37
CA ILE B 148 25.31 5.61 -4.74
C ILE B 148 25.55 7.11 -5.04
N LEU B 149 24.71 8.02 -4.55
CA LEU B 149 24.92 9.43 -4.85
C LEU B 149 26.21 9.98 -4.23
N GLU B 150 26.69 9.42 -3.11
CA GLU B 150 27.96 9.81 -2.54
C GLU B 150 29.11 9.36 -3.42
N ARG B 151 29.02 8.17 -4.01
CA ARG B 151 30.09 7.74 -4.88
C ARG B 151 30.08 8.64 -6.11
N MET B 152 28.89 9.03 -6.55
CA MET B 152 28.74 9.91 -7.70
C MET B 152 29.28 11.30 -7.41
N ALA B 153 29.08 11.81 -6.19
CA ALA B 153 29.54 13.14 -5.81
C ALA B 153 31.07 13.16 -5.82
N LYS B 154 31.73 12.06 -5.47
CA LYS B 154 33.18 12.00 -5.54
C LYS B 154 33.67 12.07 -7.00
N VAL B 155 32.93 11.42 -7.92
CA VAL B 155 33.24 11.50 -9.35
C VAL B 155 33.13 12.97 -9.84
N ARG B 156 32.04 13.63 -9.51
CA ARG B 156 31.86 15.03 -9.84
C ARG B 156 32.98 15.92 -9.25
N ALA B 157 33.39 15.68 -8.01
CA ALA B 157 34.50 16.43 -7.44
C ALA B 157 35.79 16.22 -8.24
N GLU B 158 36.08 15.02 -8.75
CA GLU B 158 37.32 14.81 -9.47
C GLU B 158 37.22 15.21 -10.93
N HIS B 159 36.08 15.04 -11.61
CA HIS B 159 36.07 15.26 -13.04
C HIS B 159 35.23 16.46 -13.46
N GLY B 160 34.48 17.09 -12.53
CA GLY B 160 33.43 18.05 -12.87
C GLY B 160 32.27 17.41 -13.64
N GLY B 161 31.37 18.25 -14.16
CA GLY B 161 30.33 17.81 -15.07
C GLY B 161 29.24 17.00 -14.37
N SER B 162 28.71 15.99 -15.07
CA SER B 162 27.50 15.33 -14.65
C SER B 162 27.78 13.83 -14.50
N VAL B 163 27.01 13.19 -13.62
CA VAL B 163 27.27 11.79 -13.29
C VAL B 163 25.96 11.02 -13.35
N LEU B 164 26.03 9.81 -13.88
CA LEU B 164 24.87 8.94 -14.00
C LEU B 164 25.13 7.64 -13.23
N CYS B 165 24.14 6.74 -13.25
CA CYS B 165 24.24 5.52 -12.49
C CYS B 165 23.85 4.37 -13.39
N ALA B 166 24.49 3.24 -13.17
CA ALA B 166 24.20 2.04 -13.90
C ALA B 166 24.15 0.82 -12.98
N PHE B 167 23.41 -0.18 -13.49
CA PHE B 167 23.46 -1.53 -12.99
C PHE B 167 24.24 -2.35 -14.01
N ASP B 168 24.96 -3.35 -13.51
CA ASP B 168 25.69 -4.26 -14.35
C ASP B 168 24.79 -5.46 -14.68
N ILE B 169 24.35 -5.63 -15.93
CA ILE B 169 23.34 -6.62 -16.30
C ILE B 169 23.84 -7.33 -17.54
N PRO B 170 23.85 -8.67 -17.61
CA PRO B 170 24.36 -9.34 -18.82
C PRO B 170 23.62 -8.90 -20.09
N LYS B 171 24.33 -8.91 -21.21
CA LYS B 171 23.76 -8.44 -22.48
C LYS B 171 22.48 -9.20 -22.85
N GLU B 172 22.37 -10.49 -22.51
CA GLU B 172 21.18 -11.30 -22.84
C GLU B 172 19.96 -10.75 -22.09
N GLU B 173 20.16 -9.87 -21.10
CA GLU B 173 19.05 -9.52 -20.21
C GLU B 173 18.83 -8.01 -20.17
N ILE B 174 19.52 -7.26 -21.02
CA ILE B 174 19.62 -5.82 -20.85
C ILE B 174 18.70 -5.08 -21.84
N SER B 175 17.96 -5.80 -22.71
CA SER B 175 17.37 -5.21 -23.92
C SER B 175 16.21 -4.27 -23.58
N ALA B 176 15.64 -4.41 -22.38
CA ALA B 176 14.64 -3.47 -21.88
C ALA B 176 15.20 -2.14 -21.39
N TYR B 177 16.53 -1.96 -21.25
CA TYR B 177 17.10 -0.78 -20.60
C TYR B 177 17.77 0.14 -21.63
N GLY B 178 18.07 1.37 -21.22
CA GLY B 178 19.11 2.19 -21.86
C GLY B 178 20.49 1.65 -21.43
N VAL B 179 21.39 1.54 -22.38
CA VAL B 179 22.69 0.93 -22.20
C VAL B 179 23.75 1.95 -22.62
N PHE B 180 24.72 2.13 -21.72
CA PHE B 180 25.75 3.11 -21.98
C PHE B 180 26.85 2.58 -22.86
N ASP B 181 27.32 3.48 -23.71
CA ASP B 181 28.58 3.34 -24.40
C ASP B 181 29.68 4.04 -23.58
N VAL B 182 30.66 3.22 -23.15
CA VAL B 182 31.59 3.61 -22.09
C VAL B 182 33.05 3.32 -22.44
N SER B 183 33.93 4.05 -21.77
CA SER B 183 35.35 3.71 -21.70
C SER B 183 35.82 3.80 -20.24
N ASP B 184 37.00 3.25 -19.94
CA ASP B 184 37.49 3.06 -18.58
C ASP B 184 38.10 4.35 -18.00
N THR B 185 38.08 4.50 -16.66
CA THR B 185 38.86 5.53 -15.96
C THR B 185 39.86 4.81 -15.07
N ASP B 186 40.50 5.49 -14.10
CA ASP B 186 41.38 4.85 -13.11
C ASP B 186 40.60 4.07 -12.07
N ASP B 187 39.30 4.34 -11.89
CA ASP B 187 38.45 3.57 -10.98
C ASP B 187 37.58 2.60 -11.79
N ALA B 188 37.62 1.34 -11.45
CA ALA B 188 36.86 0.30 -12.12
C ALA B 188 35.35 0.47 -12.04
N ASP B 189 34.79 1.18 -11.06
CA ASP B 189 33.34 1.36 -11.00
C ASP B 189 32.92 2.68 -11.63
N VAL B 190 33.86 3.41 -12.24
CA VAL B 190 33.59 4.71 -12.81
C VAL B 190 34.00 4.71 -14.28
N LYS B 191 33.04 5.02 -15.15
CA LYS B 191 33.23 4.92 -16.60
C LYS B 191 32.96 6.27 -17.21
N ARG B 192 33.72 6.60 -18.26
CA ARG B 192 33.38 7.75 -19.05
C ARG B 192 32.21 7.39 -19.97
N VAL B 193 31.19 8.27 -20.05
CA VAL B 193 30.04 8.02 -20.91
C VAL B 193 30.22 8.74 -22.26
N HIS B 194 30.19 7.96 -23.35
CA HIS B 194 30.25 8.51 -24.70
C HIS B 194 28.85 8.66 -25.29
N GLY B 195 27.92 7.83 -24.82
CA GLY B 195 26.54 7.90 -25.23
C GLY B 195 25.74 6.78 -24.59
N MET B 196 24.49 6.69 -25.04
CA MET B 196 23.53 5.70 -24.57
CA MET B 196 23.53 5.71 -24.57
C MET B 196 22.67 5.24 -25.74
N VAL B 197 22.33 3.95 -25.73
CA VAL B 197 21.48 3.30 -26.72
C VAL B 197 20.20 2.87 -26.00
N GLU B 198 19.00 3.23 -26.52
CA GLU B 198 17.72 2.78 -26.00
CA GLU B 198 17.73 2.76 -25.97
C GLU B 198 17.43 1.35 -26.48
N LYS B 199 17.24 0.42 -25.54
CA LYS B 199 16.82 -0.95 -25.79
C LYS B 199 17.56 -1.62 -26.93
N PRO B 200 18.89 -1.79 -26.84
CA PRO B 200 19.60 -2.50 -27.89
C PRO B 200 19.25 -3.99 -27.82
N PRO B 201 19.22 -4.70 -28.98
CA PRO B 201 19.34 -6.15 -28.95
C PRO B 201 20.67 -6.56 -28.27
N ALA B 202 20.67 -7.74 -27.63
CA ALA B 202 21.83 -8.34 -27.03
C ALA B 202 23.08 -8.17 -27.91
N GLU B 203 22.98 -8.41 -29.22
CA GLU B 203 24.14 -8.45 -30.11
C GLU B 203 24.71 -7.05 -30.35
N GLN B 204 23.89 -5.99 -30.18
CA GLN B 204 24.34 -4.63 -30.42
C GLN B 204 24.54 -3.82 -29.12
N ALA B 205 24.40 -4.42 -27.94
CA ALA B 205 24.52 -3.67 -26.69
C ALA B 205 25.94 -3.13 -26.55
N PRO B 206 26.16 -1.82 -26.45
CA PRO B 206 27.56 -1.35 -26.34
C PRO B 206 28.26 -1.79 -25.05
N SER B 207 27.54 -2.24 -24.02
CA SER B 207 28.18 -2.63 -22.76
C SER B 207 27.16 -3.43 -21.96
N THR B 208 27.52 -3.84 -20.73
CA THR B 208 26.59 -4.42 -19.76
C THR B 208 26.10 -3.38 -18.75
N PHE B 209 26.27 -2.08 -19.03
CA PHE B 209 25.93 -1.04 -18.07
C PHE B 209 24.58 -0.40 -18.45
N ALA B 210 23.55 -0.79 -17.70
CA ALA B 210 22.17 -0.35 -17.90
C ALA B 210 21.86 0.87 -17.02
N ALA B 211 21.23 1.88 -17.62
CA ALA B 211 20.94 3.10 -16.91
C ALA B 211 19.97 2.85 -15.76
N ALA B 212 20.28 3.45 -14.60
CA ALA B 212 19.51 3.34 -13.38
C ALA B 212 19.05 4.75 -13.04
N GLY B 213 18.02 4.86 -12.18
CA GLY B 213 17.30 6.11 -11.95
C GLY B 213 17.94 6.94 -10.84
N ARG B 214 19.25 7.18 -10.94
CA ARG B 214 19.91 8.14 -10.08
C ARG B 214 20.81 9.06 -10.90
N TYR B 215 20.80 10.36 -10.59
CA TYR B 215 21.53 11.31 -11.40
C TYR B 215 22.12 12.42 -10.54
N LEU B 216 23.29 12.87 -10.97
CA LEU B 216 23.87 14.09 -10.43
C LEU B 216 24.18 14.98 -11.63
N LEU B 217 23.33 16.01 -11.81
CA LEU B 217 23.28 16.76 -13.04
C LEU B 217 23.76 18.18 -12.77
N ASP B 218 24.74 18.58 -13.58
CA ASP B 218 25.15 19.94 -13.60
C ASP B 218 23.95 20.78 -13.98
N ARG B 219 23.89 21.98 -13.42
CA ARG B 219 22.88 22.97 -13.75
C ARG B 219 22.75 23.24 -15.27
N ALA B 220 23.81 22.98 -16.07
CA ALA B 220 23.75 23.13 -17.51
C ALA B 220 22.69 22.24 -18.17
N ILE B 221 22.19 21.20 -17.49
CA ILE B 221 21.20 20.31 -18.07
C ILE B 221 19.94 21.09 -18.42
N PHE B 222 19.65 22.15 -17.67
CA PHE B 222 18.39 22.87 -17.87
C PHE B 222 18.41 23.59 -19.20
N ASP B 223 19.55 24.21 -19.52
CA ASP B 223 19.73 24.86 -20.80
C ASP B 223 19.73 23.83 -21.92
N ALA B 224 20.35 22.64 -21.71
CA ALA B 224 20.32 21.60 -22.73
C ALA B 224 18.89 21.12 -23.04
N LEU B 225 18.05 20.99 -21.98
CA LEU B 225 16.64 20.57 -22.10
C LEU B 225 15.84 21.60 -22.90
N ARG B 226 16.25 22.87 -22.84
CA ARG B 226 15.59 23.90 -23.65
C ARG B 226 16.08 23.92 -25.10
N ARG B 227 17.26 23.37 -25.38
CA ARG B 227 17.82 23.47 -26.71
C ARG B 227 17.48 22.25 -27.54
N ILE B 228 16.92 21.18 -26.96
CA ILE B 228 16.77 19.96 -27.73
C ILE B 228 15.44 20.01 -28.46
N GLU B 229 15.34 19.17 -29.50
CA GLU B 229 14.12 18.99 -30.26
C GLU B 229 13.06 18.36 -29.36
N PRO B 230 11.96 19.07 -29.01
CA PRO B 230 10.86 18.47 -28.22
C PRO B 230 10.17 17.36 -29.02
N GLY B 231 9.36 16.54 -28.35
CA GLY B 231 8.63 15.46 -28.99
C GLY B 231 7.27 15.90 -29.54
N ALA B 232 6.49 14.92 -30.02
CA ALA B 232 5.20 15.17 -30.65
C ALA B 232 4.32 16.06 -29.77
N GLY B 233 4.25 15.74 -28.46
CA GLY B 233 3.39 16.45 -27.53
C GLY B 233 4.12 17.50 -26.68
N GLY B 234 5.45 17.55 -26.82
CA GLY B 234 6.29 18.40 -25.99
C GLY B 234 7.16 17.61 -25.01
N GLU B 235 7.34 16.29 -25.26
CA GLU B 235 8.19 15.43 -24.44
C GLU B 235 9.65 15.85 -24.64
N LEU B 236 10.42 16.00 -23.55
CA LEU B 236 11.81 16.41 -23.65
C LEU B 236 12.66 15.23 -23.20
N GLN B 237 13.42 14.62 -24.11
CA GLN B 237 14.12 13.39 -23.73
C GLN B 237 15.37 13.73 -22.91
N LEU B 238 15.38 13.38 -21.60
CA LEU B 238 16.54 13.64 -20.75
C LEU B 238 17.80 13.07 -21.40
N THR B 239 17.66 11.89 -21.99
CA THR B 239 18.73 11.23 -22.70
C THR B 239 19.31 12.12 -23.83
N ASP B 240 18.44 12.83 -24.59
CA ASP B 240 18.89 13.76 -25.63
C ASP B 240 19.60 15.00 -25.04
N ALA B 241 19.14 15.51 -23.89
CA ALA B 241 19.83 16.60 -23.19
C ALA B 241 21.22 16.18 -22.73
N VAL B 242 21.36 14.96 -22.21
CA VAL B 242 22.68 14.44 -21.86
C VAL B 242 23.58 14.32 -23.10
N ALA B 243 23.02 13.87 -24.25
CA ALA B 243 23.77 13.67 -25.47
C ALA B 243 24.25 15.01 -26.00
N LEU B 244 23.44 16.04 -25.79
CA LEU B 244 23.85 17.37 -26.21
C LEU B 244 25.03 17.88 -25.39
N LEU B 245 24.98 17.70 -24.06
CA LEU B 245 26.05 18.15 -23.17
C LEU B 245 27.35 17.44 -23.56
N ILE B 246 27.26 16.13 -23.81
CA ILE B 246 28.39 15.34 -24.31
C ILE B 246 28.98 15.94 -25.59
N GLN B 247 28.12 16.26 -26.58
CA GLN B 247 28.56 16.78 -27.86
C GLN B 247 29.28 18.12 -27.70
N GLU B 248 28.90 18.84 -26.66
CA GLU B 248 29.46 20.14 -26.33
C GLU B 248 30.56 20.02 -25.29
N GLY B 249 31.07 18.80 -25.11
CA GLY B 249 32.32 18.65 -24.38
C GLY B 249 32.16 18.66 -22.87
N HIS B 250 30.91 18.60 -22.37
CA HIS B 250 30.61 18.48 -20.95
C HIS B 250 31.01 17.09 -20.46
N PRO B 251 31.78 16.98 -19.35
CA PRO B 251 32.17 15.68 -18.80
C PRO B 251 30.91 14.94 -18.27
N VAL B 252 30.72 13.70 -18.71
CA VAL B 252 29.68 12.82 -18.22
C VAL B 252 30.32 11.48 -17.90
N HIS B 253 30.08 11.01 -16.68
CA HIS B 253 30.61 9.73 -16.22
C HIS B 253 29.46 8.95 -15.61
N VAL B 254 29.70 7.67 -15.39
CA VAL B 254 28.73 6.83 -14.73
C VAL B 254 29.43 6.03 -13.63
N VAL B 255 28.71 5.87 -12.49
CA VAL B 255 29.06 4.94 -11.45
C VAL B 255 28.21 3.68 -11.52
N VAL B 256 28.92 2.56 -11.45
CA VAL B 256 28.31 1.25 -11.47
C VAL B 256 27.99 0.82 -10.04
N HIS B 257 26.67 0.66 -9.82
CA HIS B 257 26.17 0.20 -8.54
C HIS B 257 26.50 -1.29 -8.43
N ARG B 258 27.08 -1.71 -7.29
CA ARG B 258 27.43 -3.12 -7.03
C ARG B 258 26.61 -3.76 -5.89
N GLY B 259 25.56 -3.08 -5.43
CA GLY B 259 24.74 -3.53 -4.33
C GLY B 259 23.45 -4.13 -4.86
N ASP B 260 22.44 -4.16 -4.02
CA ASP B 260 21.15 -4.68 -4.39
C ASP B 260 20.28 -3.56 -4.96
N ARG B 261 19.18 -3.97 -5.58
N ARG B 261 19.18 -3.96 -5.58
CA ARG B 261 18.22 -3.01 -6.12
CA ARG B 261 18.22 -2.99 -6.09
C ARG B 261 16.82 -3.61 -6.02
C ARG B 261 16.83 -3.60 -6.04
N HIS B 262 15.81 -2.75 -6.00
CA HIS B 262 14.42 -3.15 -6.03
C HIS B 262 13.70 -2.20 -6.98
N ASP B 263 12.71 -2.79 -7.65
CA ASP B 263 11.95 -2.08 -8.64
C ASP B 263 10.49 -2.02 -8.16
N LEU B 264 10.07 -0.82 -7.76
CA LEU B 264 8.74 -0.60 -7.26
C LEU B 264 7.76 -0.26 -8.40
N GLY B 265 8.10 -0.56 -9.66
CA GLY B 265 7.32 -0.04 -10.77
C GLY B 265 6.09 -0.92 -11.04
N ASN B 266 6.22 -2.24 -10.75
CA ASN B 266 5.13 -3.18 -10.87
C ASN B 266 4.86 -3.85 -9.52
N PRO B 267 3.64 -4.42 -9.29
CA PRO B 267 3.29 -5.07 -8.03
C PRO B 267 4.20 -6.23 -7.64
N GLY B 268 4.64 -7.04 -8.61
CA GLY B 268 5.60 -8.11 -8.37
C GLY B 268 6.90 -7.63 -7.71
N GLY B 269 7.49 -6.60 -8.29
CA GLY B 269 8.78 -6.10 -7.80
C GLY B 269 8.57 -5.37 -6.48
N PHE B 270 7.44 -4.71 -6.35
CA PHE B 270 7.09 -4.05 -5.10
C PHE B 270 6.94 -5.06 -3.95
N LEU B 271 6.21 -6.14 -4.21
CA LEU B 271 6.05 -7.17 -3.18
C LEU B 271 7.39 -7.80 -2.77
N ARG B 272 8.32 -8.01 -3.72
CA ARG B 272 9.68 -8.46 -3.39
C ARG B 272 10.38 -7.49 -2.45
N ALA B 273 10.33 -6.21 -2.76
CA ALA B 273 10.89 -5.23 -1.87
C ALA B 273 10.32 -5.37 -0.45
N ALA B 274 8.98 -5.46 -0.34
CA ALA B 274 8.34 -5.47 0.95
C ALA B 274 8.70 -6.74 1.72
N VAL B 275 8.71 -7.91 1.08
CA VAL B 275 9.08 -9.12 1.76
C VAL B 275 10.54 -9.05 2.23
N ASP B 276 11.40 -8.50 1.38
CA ASP B 276 12.84 -8.44 1.65
C ASP B 276 13.07 -7.61 2.92
N PHE B 277 12.38 -6.50 3.04
CA PHE B 277 12.54 -5.59 4.15
C PHE B 277 11.87 -6.18 5.39
N ALA B 278 10.67 -6.74 5.24
CA ALA B 278 9.96 -7.32 6.38
C ALA B 278 10.76 -8.46 7.03
N LEU B 279 11.41 -9.28 6.21
CA LEU B 279 12.15 -10.43 6.71
C LEU B 279 13.36 -10.00 7.56
N GLN B 280 13.81 -8.75 7.43
CA GLN B 280 14.88 -8.22 8.25
C GLN B 280 14.32 -7.49 9.48
N ASP B 281 13.02 -7.35 9.61
CA ASP B 281 12.47 -6.60 10.73
C ASP B 281 12.18 -7.59 11.86
N PRO B 282 12.76 -7.43 13.08
CA PRO B 282 12.47 -8.35 14.19
C PRO B 282 11.00 -8.35 14.68
N ASP B 283 10.20 -7.31 14.39
CA ASP B 283 8.76 -7.31 14.66
C ASP B 283 7.99 -8.24 13.72
N TYR B 284 8.44 -8.42 12.46
CA TYR B 284 7.62 -9.09 11.44
C TYR B 284 8.31 -10.36 10.95
N GLY B 285 9.65 -10.29 10.85
CA GLY B 285 10.47 -11.24 10.13
C GLY B 285 10.20 -12.67 10.55
N PRO B 286 10.30 -12.98 11.86
CA PRO B 286 10.28 -14.38 12.32
C PRO B 286 8.96 -15.08 11.99
N GLU B 287 7.86 -14.42 12.35
CA GLU B 287 6.53 -14.92 12.08
C GLU B 287 6.26 -15.00 10.55
N LEU B 288 6.63 -14.01 9.75
CA LEU B 288 6.48 -14.11 8.29
C LEU B 288 7.37 -15.21 7.68
N ARG B 289 8.64 -15.29 8.08
CA ARG B 289 9.53 -16.32 7.56
C ARG B 289 9.01 -17.72 7.87
N ALA B 290 8.44 -17.95 9.06
CA ALA B 290 7.91 -19.27 9.39
C ALA B 290 6.68 -19.55 8.55
N TRP B 291 5.78 -18.56 8.40
CA TRP B 291 4.63 -18.71 7.50
C TRP B 291 5.07 -19.03 6.07
N LEU B 292 6.02 -18.28 5.53
CA LEU B 292 6.47 -18.43 4.16
C LEU B 292 7.06 -19.83 3.92
N THR B 293 7.74 -20.33 4.98
CA THR B 293 8.47 -21.58 4.98
C THR B 293 7.48 -22.68 4.66
N ASP B 294 6.32 -22.69 5.32
CA ASP B 294 5.24 -23.61 4.99
C ASP B 294 4.48 -23.25 3.72
N ARG B 295 4.24 -21.95 3.45
CA ARG B 295 3.39 -21.57 2.35
C ARG B 295 3.97 -22.09 1.04
N ILE B 296 5.29 -21.95 0.87
CA ILE B 296 5.95 -22.29 -0.39
C ILE B 296 6.25 -23.79 -0.51
N ALA B 297 6.03 -24.58 0.54
CA ALA B 297 6.17 -26.02 0.46
C ALA B 297 4.88 -26.60 -0.12
N ARG B 298 3.81 -25.79 -0.23
CA ARG B 298 2.52 -26.22 -0.77
C ARG B 298 2.11 -25.35 -1.97
N PRO B 299 1.20 -25.87 -2.85
CA PRO B 299 0.61 -25.06 -3.94
C PRO B 299 -0.05 -23.73 -3.49
#